data_3MLG
#
_entry.id   3MLG
#
_cell.length_a   44.942
_cell.length_b   75.390
_cell.length_c   118.573
_cell.angle_alpha   90.000
_cell.angle_beta   90.000
_cell.angle_gamma   90.000
#
_symmetry.space_group_name_H-M   'P 21 21 21'
#
loop_
_entity.id
_entity.type
_entity.pdbx_description
1 polymer '2X chimera of Helicobacter pylori protein HP0242'
2 water water
#
_entity_poly.entity_id   1
_entity_poly.type   'polypeptide(L)'
_entity_poly.pdbx_seq_one_letter_code
;MRDYSELEIFEGNPLDKWNDIIFHASKKLSKKELERLLELLALLETFIEKEDLEEKFESFAKALRIDEELQQKIESRKTD
IVIQSMANILSGSGSGSGSSGNPLDKWNDIIFHASKKLSKKELERLLELLALLETFIEKEDLEEKFESFAKALRIDEELQ
QKIESRKTDIVIQSMANILSGLEHHHHHH
;
_entity_poly.pdbx_strand_id   A,B
#
# COMPACT_ATOMS: atom_id res chain seq x y z
N ASN A 13 23.26 -20.47 1.94
CA ASN A 13 22.54 -21.67 2.34
C ASN A 13 21.42 -21.42 3.38
N PRO A 14 21.66 -20.80 4.57
CA PRO A 14 20.56 -20.57 5.52
C PRO A 14 19.38 -19.80 4.93
N LEU A 15 19.67 -18.75 4.13
CA LEU A 15 18.65 -17.94 3.46
C LEU A 15 18.00 -18.74 2.33
N ASP A 16 18.79 -19.59 1.61
CA ASP A 16 18.32 -20.45 0.52
C ASP A 16 17.30 -21.46 1.05
N LYS A 17 17.57 -22.02 2.24
CA LYS A 17 16.72 -23.00 2.91
C LYS A 17 15.48 -22.34 3.49
N TRP A 18 15.61 -21.12 4.01
CA TRP A 18 14.45 -20.37 4.53
C TRP A 18 13.49 -20.11 3.37
N ASN A 19 14.00 -19.72 2.20
CA ASN A 19 13.17 -19.48 1.01
C ASN A 19 12.43 -20.76 0.59
N ASP A 20 13.11 -21.93 0.59
CA ASP A 20 12.50 -23.23 0.27
C ASP A 20 11.36 -23.55 1.27
N ILE A 21 11.62 -23.40 2.58
CA ILE A 21 10.64 -23.63 3.64
C ILE A 21 9.44 -22.64 3.53
N ILE A 22 9.70 -21.38 3.14
CA ILE A 22 8.64 -20.38 3.01
C ILE A 22 7.70 -20.70 1.86
N PHE A 23 8.26 -21.02 0.68
CA PHE A 23 7.52 -21.31 -0.54
C PHE A 23 6.97 -22.71 -0.64
N HIS A 24 7.38 -23.61 0.26
CA HIS A 24 6.90 -25.01 0.25
C HIS A 24 5.98 -25.43 1.40
N ALA A 25 5.85 -24.58 2.41
CA ALA A 25 4.95 -24.76 3.55
C ALA A 25 3.53 -24.42 3.07
N SER A 26 2.50 -24.84 3.81
CA SER A 26 1.13 -24.49 3.45
C SER A 26 0.98 -22.96 3.42
N LYS A 27 0.15 -22.44 2.49
CA LYS A 27 -0.11 -21.02 2.30
C LYS A 27 -0.46 -20.33 3.63
N LYS A 28 -1.26 -21.00 4.49
CA LYS A 28 -1.68 -20.48 5.79
C LYS A 28 -0.48 -20.29 6.74
N LEU A 29 0.41 -21.29 6.82
CA LEU A 29 1.56 -21.23 7.72
C LEU A 29 2.59 -20.18 7.34
N SER A 30 2.87 -20.04 6.02
CA SER A 30 3.83 -19.05 5.52
C SER A 30 3.27 -17.63 5.61
N LYS A 31 1.95 -17.46 5.52
CA LYS A 31 1.30 -16.14 5.59
C LYS A 31 1.36 -15.62 7.02
N LYS A 32 1.06 -16.47 8.01
CA LYS A 32 1.10 -16.16 9.44
C LYS A 32 2.56 -15.78 9.84
N GLU A 33 3.54 -16.52 9.33
CA GLU A 33 4.97 -16.28 9.60
C GLU A 33 5.50 -14.99 8.99
N LEU A 34 5.16 -14.72 7.72
CA LEU A 34 5.57 -13.47 7.06
C LEU A 34 4.88 -12.26 7.73
N GLU A 35 3.59 -12.39 8.12
CA GLU A 35 2.86 -11.33 8.82
C GLU A 35 3.49 -11.04 10.19
N ARG A 36 3.97 -12.11 10.91
CA ARG A 36 4.63 -11.98 12.21
C ARG A 36 5.89 -11.11 12.06
N LEU A 37 6.73 -11.42 11.06
CA LEU A 37 7.96 -10.69 10.75
C LEU A 37 7.67 -9.24 10.35
N LEU A 38 6.56 -9.00 9.64
CA LEU A 38 6.19 -7.66 9.21
C LEU A 38 5.77 -6.79 10.39
N GLU A 39 4.96 -7.35 11.33
CA GLU A 39 4.51 -6.71 12.55
C GLU A 39 5.76 -6.34 13.40
N LEU A 40 6.73 -7.26 13.48
CA LEU A 40 7.95 -7.06 14.27
C LEU A 40 8.75 -5.89 13.69
N LEU A 41 8.80 -5.81 12.36
CA LEU A 41 9.45 -4.74 11.61
C LEU A 41 8.73 -3.40 11.86
N ALA A 42 7.40 -3.40 11.79
CA ALA A 42 6.59 -2.20 12.03
C ALA A 42 6.78 -1.73 13.49
N LEU A 43 6.82 -2.67 14.45
CA LEU A 43 7.05 -2.41 15.87
C LEU A 43 8.41 -1.80 16.13
N LEU A 44 9.49 -2.41 15.57
CA LEU A 44 10.86 -1.94 15.74
C LEU A 44 11.07 -0.55 15.18
N GLU A 45 10.61 -0.31 13.94
CA GLU A 45 10.73 0.98 13.25
C GLU A 45 9.99 2.09 13.99
N THR A 46 8.77 1.79 14.52
CA THR A 46 7.95 2.75 15.27
C THR A 46 8.68 3.08 16.59
N PHE A 47 9.28 2.06 17.23
CA PHE A 47 10.05 2.26 18.46
C PHE A 47 11.20 3.25 18.21
N ILE A 48 11.96 3.07 17.10
CA ILE A 48 13.08 3.93 16.69
C ILE A 48 12.64 5.39 16.56
N GLU A 49 11.48 5.62 15.93
CA GLU A 49 10.91 6.96 15.76
C GLU A 49 10.42 7.52 17.08
N LYS A 50 9.66 6.72 17.88
CA LYS A 50 9.16 7.15 19.18
C LYS A 50 10.30 7.52 20.11
N GLU A 51 11.45 6.85 19.97
CA GLU A 51 12.66 7.06 20.73
C GLU A 51 13.60 8.07 20.03
N ASP A 52 13.19 8.57 18.83
CA ASP A 52 13.91 9.56 17.99
C ASP A 52 15.34 9.13 17.59
N LEU A 53 15.51 7.84 17.25
CA LEU A 53 16.81 7.27 16.87
C LEU A 53 17.02 7.03 15.37
N GLU A 54 16.12 7.60 14.52
CA GLU A 54 16.10 7.45 13.04
C GLU A 54 17.47 7.65 12.41
N GLU A 55 18.09 8.84 12.60
CA GLU A 55 19.41 9.17 12.07
C GLU A 55 20.53 8.28 12.63
N LYS A 56 20.51 8.02 13.96
CA LYS A 56 21.47 7.15 14.64
C LYS A 56 21.40 5.70 14.10
N PHE A 57 20.19 5.24 13.69
CA PHE A 57 20.02 3.92 13.08
C PHE A 57 20.60 3.91 11.67
N GLU A 58 20.42 5.01 10.91
CA GLU A 58 20.94 5.13 9.55
C GLU A 58 22.46 5.13 9.49
N SER A 59 23.13 5.84 10.45
CA SER A 59 24.58 5.91 10.55
C SER A 59 25.16 4.57 11.05
N PHE A 60 24.29 3.72 11.64
CA PHE A 60 24.63 2.38 12.09
C PHE A 60 24.50 1.43 10.88
N ALA A 61 23.35 1.50 10.18
CA ALA A 61 23.01 0.68 9.01
C ALA A 61 23.91 0.92 7.80
N LYS A 62 24.43 2.16 7.64
CA LYS A 62 25.33 2.54 6.54
C LYS A 62 26.68 1.83 6.65
N ALA A 63 27.18 1.64 7.91
CA ALA A 63 28.45 0.98 8.25
C ALA A 63 28.56 -0.48 7.74
N LEU A 64 27.41 -1.13 7.43
CA LEU A 64 27.35 -2.50 6.91
C LEU A 64 28.09 -2.66 5.56
N ARG A 65 28.17 -1.55 4.78
CA ARG A 65 28.87 -1.53 3.51
C ARG A 65 30.40 -1.54 3.68
N ILE A 66 30.93 -1.06 4.84
CA ILE A 66 32.37 -1.00 5.09
C ILE A 66 32.89 -1.52 6.47
N ASP A 67 32.16 -2.46 7.12
CA ASP A 67 32.57 -3.06 8.40
C ASP A 67 32.45 -4.58 8.44
N GLU A 68 33.60 -5.26 8.67
CA GLU A 68 33.71 -6.72 8.76
C GLU A 68 33.05 -7.28 10.02
N GLU A 69 33.26 -6.62 11.17
CA GLU A 69 32.69 -6.98 12.49
C GLU A 69 31.15 -6.94 12.46
N LEU A 70 30.57 -5.92 11.77
CA LEU A 70 29.13 -5.76 11.66
C LEU A 70 28.55 -6.81 10.73
N GLN A 71 29.14 -6.99 9.52
CA GLN A 71 28.69 -7.95 8.50
C GLN A 71 28.49 -9.37 9.04
N GLN A 72 29.43 -9.84 9.90
CA GLN A 72 29.41 -11.14 10.56
C GLN A 72 28.28 -11.21 11.60
N LYS A 73 28.16 -10.15 12.44
CA LYS A 73 27.14 -10.03 13.49
C LYS A 73 25.70 -9.98 12.92
N ILE A 74 25.56 -9.52 11.67
CA ILE A 74 24.25 -9.44 10.99
C ILE A 74 23.95 -10.78 10.33
N GLU A 75 24.94 -11.35 9.60
CA GLU A 75 24.86 -12.64 8.92
C GLU A 75 24.43 -13.70 9.92
N SER A 76 25.01 -13.63 11.15
CA SER A 76 24.71 -14.50 12.29
C SER A 76 23.29 -14.26 12.85
N ARG A 77 22.82 -13.00 12.98
CA ARG A 77 21.43 -12.78 13.47
C ARG A 77 20.35 -13.17 12.44
N LYS A 78 20.71 -13.12 11.16
CA LYS A 78 19.81 -13.51 10.07
C LYS A 78 19.56 -15.04 10.17
N THR A 79 20.65 -15.83 10.41
CA THR A 79 20.56 -17.30 10.61
C THR A 79 19.68 -17.65 11.80
N ASP A 80 19.79 -16.92 12.90
CA ASP A 80 18.94 -17.09 14.08
C ASP A 80 17.47 -16.80 13.79
N ILE A 81 17.16 -15.69 13.04
CA ILE A 81 15.82 -15.29 12.61
C ILE A 81 15.21 -16.41 11.76
N VAL A 82 16.01 -16.92 10.79
CA VAL A 82 15.67 -17.98 9.86
C VAL A 82 15.32 -19.25 10.63
N ILE A 83 16.11 -19.56 11.69
CA ILE A 83 15.91 -20.74 12.54
C ILE A 83 14.61 -20.57 13.34
N GLN A 84 14.38 -19.39 13.92
CA GLN A 84 13.11 -19.14 14.61
C GLN A 84 11.90 -19.29 13.64
N SER A 85 12.00 -18.68 12.44
CA SER A 85 11.01 -18.72 11.37
C SER A 85 10.63 -20.15 10.94
N MET A 86 11.66 -21.01 10.67
CA MET A 86 11.51 -22.43 10.29
C MET A 86 10.90 -23.23 11.42
N ALA A 87 11.27 -22.91 12.67
CA ALA A 87 10.74 -23.57 13.84
C ALA A 87 9.27 -23.27 13.97
N ASN A 88 8.84 -21.99 13.70
CA ASN A 88 7.43 -21.55 13.76
C ASN A 88 6.53 -22.31 12.79
N ILE A 89 6.96 -22.47 11.53
CA ILE A 89 6.23 -23.23 10.51
C ILE A 89 5.96 -24.70 10.91
N LEU A 90 6.95 -25.37 11.53
CA LEU A 90 6.84 -26.77 12.00
C LEU A 90 5.88 -26.92 13.19
N SER A 91 5.86 -25.93 14.09
CA SER A 91 5.02 -25.87 15.28
C SER A 91 3.49 -25.87 15.01
N GLY A 92 3.07 -25.29 13.88
CA GLY A 92 1.66 -25.22 13.48
C GLY A 92 0.96 -23.98 14.01
N GLY A 101 -5.88 -8.08 7.13
CA GLY A 101 -6.81 -7.38 6.24
C GLY A 101 -6.36 -7.28 4.80
N ASN A 102 -7.07 -6.47 3.99
CA ASN A 102 -6.77 -6.29 2.56
C ASN A 102 -5.33 -5.94 2.18
N PRO A 103 -4.65 -4.93 2.77
CA PRO A 103 -3.23 -4.66 2.40
C PRO A 103 -2.31 -5.87 2.60
N LEU A 104 -2.47 -6.58 3.73
CA LEU A 104 -1.64 -7.76 4.02
C LEU A 104 -1.99 -8.94 3.15
N ASP A 105 -3.28 -9.09 2.79
CA ASP A 105 -3.76 -10.16 1.92
C ASP A 105 -3.18 -9.96 0.53
N LYS A 106 -3.19 -8.72 0.02
CA LYS A 106 -2.66 -8.35 -1.30
C LYS A 106 -1.15 -8.55 -1.35
N TRP A 107 -0.44 -8.16 -0.30
CA TRP A 107 1.01 -8.36 -0.18
C TRP A 107 1.35 -9.84 -0.24
N ASN A 108 0.55 -10.70 0.43
CA ASN A 108 0.75 -12.14 0.39
C ASN A 108 0.56 -12.68 -1.04
N ASP A 109 -0.50 -12.22 -1.76
CA ASP A 109 -0.78 -12.61 -3.16
C ASP A 109 0.44 -12.28 -4.05
N ILE A 110 0.93 -11.04 -3.94
CA ILE A 110 2.07 -10.49 -4.68
C ILE A 110 3.35 -11.24 -4.41
N ILE A 111 3.68 -11.46 -3.12
CA ILE A 111 4.90 -12.19 -2.73
C ILE A 111 4.91 -13.59 -3.32
N PHE A 112 3.78 -14.28 -3.25
CA PHE A 112 3.67 -15.66 -3.75
C PHE A 112 3.47 -15.86 -5.26
N HIS A 113 3.10 -14.80 -6.00
CA HIS A 113 2.92 -14.85 -7.46
C HIS A 113 3.97 -14.12 -8.28
N ALA A 114 4.83 -13.34 -7.60
CA ALA A 114 5.94 -12.59 -8.20
C ALA A 114 6.97 -13.53 -8.80
N SER A 115 7.87 -12.99 -9.65
CA SER A 115 9.00 -13.74 -10.19
C SER A 115 9.75 -14.20 -8.93
N LYS A 116 9.97 -15.52 -8.80
CA LYS A 116 10.59 -16.13 -7.64
C LYS A 116 11.95 -15.50 -7.25
N LYS A 117 12.69 -14.94 -8.24
CA LYS A 117 13.95 -14.22 -8.03
C LYS A 117 13.64 -12.88 -7.27
N LEU A 118 12.58 -12.20 -7.68
CA LEU A 118 12.21 -10.90 -7.11
C LEU A 118 11.66 -10.99 -5.71
N SER A 119 10.87 -12.05 -5.42
CA SER A 119 10.31 -12.26 -4.07
C SER A 119 11.40 -12.71 -3.09
N LYS A 120 12.40 -13.47 -3.56
CA LYS A 120 13.53 -13.92 -2.72
C LYS A 120 14.39 -12.71 -2.30
N LYS A 121 14.76 -11.83 -3.26
CA LYS A 121 15.56 -10.62 -3.00
C LYS A 121 14.77 -9.71 -2.03
N GLU A 122 13.46 -9.60 -2.21
CA GLU A 122 12.63 -8.78 -1.34
C GLU A 122 12.52 -9.34 0.08
N LEU A 123 12.24 -10.65 0.21
CA LEU A 123 12.14 -11.27 1.53
C LEU A 123 13.47 -11.20 2.27
N GLU A 124 14.60 -11.36 1.54
CA GLU A 124 15.94 -11.25 2.12
C GLU A 124 16.21 -9.84 2.62
N ARG A 125 15.74 -8.82 1.86
CA ARG A 125 15.91 -7.41 2.20
C ARG A 125 15.22 -7.10 3.53
N LEU A 126 13.99 -7.60 3.73
CA LEU A 126 13.23 -7.45 4.96
C LEU A 126 13.91 -8.16 6.13
N LEU A 127 14.54 -9.32 5.86
CA LEU A 127 15.27 -10.11 6.85
C LEU A 127 16.49 -9.35 7.37
N GLU A 128 17.30 -8.78 6.43
CA GLU A 128 18.47 -7.96 6.72
C GLU A 128 18.10 -6.78 7.62
N LEU A 129 17.07 -6.02 7.24
CA LEU A 129 16.53 -4.85 7.97
C LEU A 129 16.15 -5.22 9.40
N LEU A 130 15.44 -6.36 9.56
CA LEU A 130 15.04 -6.90 10.86
C LEU A 130 16.29 -7.23 11.71
N ALA A 131 17.29 -7.92 11.09
CA ALA A 131 18.55 -8.23 11.75
C ALA A 131 19.28 -6.95 12.15
N LEU A 132 19.23 -5.92 11.30
CA LEU A 132 19.85 -4.63 11.58
C LEU A 132 19.19 -3.90 12.77
N LEU A 133 17.85 -3.81 12.77
CA LEU A 133 17.08 -3.16 13.83
C LEU A 133 17.29 -3.78 15.19
N GLU A 134 17.27 -5.12 15.26
CA GLU A 134 17.45 -5.86 16.50
C GLU A 134 18.88 -5.73 17.06
N THR A 135 19.89 -5.64 16.16
CA THR A 135 21.30 -5.51 16.54
C THR A 135 21.54 -4.10 17.08
N PHE A 136 20.88 -3.10 16.46
CA PHE A 136 20.95 -1.69 16.84
C PHE A 136 20.41 -1.54 18.26
N ILE A 137 19.17 -2.03 18.52
CA ILE A 137 18.50 -2.03 19.82
C ILE A 137 19.45 -2.54 20.93
N GLU A 138 20.09 -3.71 20.70
CA GLU A 138 20.98 -4.35 21.66
C GLU A 138 22.26 -3.55 21.93
N LYS A 139 22.91 -3.06 20.86
CA LYS A 139 24.13 -2.23 20.91
C LYS A 139 23.83 -0.95 21.71
N GLU A 140 22.64 -0.36 21.45
CA GLU A 140 22.14 0.84 22.09
C GLU A 140 21.54 0.59 23.49
N ASP A 141 21.45 -0.71 23.90
CA ASP A 141 20.91 -1.20 25.19
C ASP A 141 19.46 -0.76 25.43
N LEU A 142 18.65 -0.81 24.36
CA LEU A 142 17.24 -0.40 24.41
C LEU A 142 16.29 -1.57 24.53
N GLU A 143 16.83 -2.77 24.86
CA GLU A 143 16.09 -4.03 24.96
C GLU A 143 14.88 -3.91 25.89
N GLU A 144 15.10 -3.35 27.08
CA GLU A 144 14.11 -3.15 28.13
C GLU A 144 13.10 -2.06 27.74
N LYS A 145 13.62 -0.93 27.21
CA LYS A 145 12.80 0.20 26.73
C LYS A 145 11.84 -0.28 25.65
N PHE A 146 12.31 -1.18 24.73
CA PHE A 146 11.52 -1.77 23.64
C PHE A 146 10.40 -2.69 24.16
N GLU A 147 10.70 -3.47 25.22
CA GLU A 147 9.76 -4.38 25.88
C GLU A 147 8.68 -3.52 26.57
N SER A 148 9.13 -2.50 27.37
CA SER A 148 8.27 -1.55 28.07
C SER A 148 7.48 -0.63 27.10
N PHE A 149 7.80 -0.68 25.77
CA PHE A 149 7.13 0.05 24.69
C PHE A 149 6.01 -0.84 24.17
N ALA A 150 6.26 -2.16 24.10
CA ALA A 150 5.28 -3.19 23.71
C ALA A 150 4.37 -3.58 24.93
N LYS A 151 4.80 -3.21 26.16
CA LYS A 151 4.06 -3.44 27.41
C LYS A 151 2.93 -2.39 27.53
N ALA A 152 3.19 -1.16 27.06
CA ALA A 152 2.22 -0.06 27.08
C ALA A 152 1.51 0.05 25.71
N LEU A 153 1.82 -0.89 24.78
CA LEU A 153 1.27 -0.96 23.43
C LEU A 153 -0.21 -1.39 23.39
N ARG A 154 -0.57 -2.44 24.16
CA ARG A 154 -1.94 -2.99 24.24
C ARG A 154 -2.99 -1.93 24.61
N ILE A 155 -2.71 -1.14 25.67
CA ILE A 155 -3.56 -0.06 26.20
C ILE A 155 -3.51 1.23 25.34
N ASP A 156 -2.74 1.19 24.24
CA ASP A 156 -2.53 2.30 23.31
C ASP A 156 -3.10 1.97 21.92
N GLU A 157 -4.40 2.28 21.73
CA GLU A 157 -5.12 2.09 20.47
C GLU A 157 -4.56 3.03 19.40
N GLU A 158 -4.09 4.24 19.84
CA GLU A 158 -3.46 5.27 19.02
C GLU A 158 -2.20 4.65 18.36
N LEU A 159 -1.27 4.16 19.20
CA LEU A 159 -0.01 3.52 18.81
C LEU A 159 -0.24 2.24 17.98
N GLN A 160 -1.35 1.52 18.22
CA GLN A 160 -1.77 0.31 17.48
C GLN A 160 -2.12 0.69 16.01
N GLN A 161 -2.78 1.86 15.82
CA GLN A 161 -3.14 2.45 14.53
C GLN A 161 -1.86 2.90 13.81
N LYS A 162 -0.88 3.45 14.56
CA LYS A 162 0.44 3.87 14.03
C LYS A 162 1.17 2.67 13.39
N ILE A 163 1.14 1.48 14.06
CA ILE A 163 1.76 0.22 13.62
C ILE A 163 1.06 -0.32 12.35
N GLU A 164 -0.28 -0.36 12.36
CA GLU A 164 -1.09 -0.82 11.23
C GLU A 164 -0.76 0.05 10.00
N SER A 165 -0.62 1.38 10.24
CA SER A 165 -0.26 2.36 9.22
C SER A 165 1.15 2.11 8.70
N ARG A 166 2.11 1.81 9.59
CA ARG A 166 3.49 1.52 9.19
C ARG A 166 3.59 0.16 8.43
N LYS A 167 2.71 -0.80 8.72
CA LYS A 167 2.70 -2.10 8.03
C LYS A 167 2.30 -1.90 6.58
N THR A 168 1.24 -1.10 6.34
CA THR A 168 0.75 -0.77 4.99
C THR A 168 1.84 -0.04 4.21
N ASP A 169 2.61 0.81 4.89
CA ASP A 169 3.75 1.50 4.31
C ASP A 169 4.84 0.54 3.90
N ILE A 170 5.17 -0.45 4.79
CA ILE A 170 6.16 -1.49 4.51
C ILE A 170 5.69 -2.32 3.28
N VAL A 171 4.41 -2.70 3.25
CA VAL A 171 3.76 -3.43 2.16
C VAL A 171 3.89 -2.66 0.81
N ILE A 172 3.60 -1.33 0.80
CA ILE A 172 3.73 -0.49 -0.39
C ILE A 172 5.16 -0.48 -0.91
N GLN A 173 6.13 -0.26 -0.02
CA GLN A 173 7.55 -0.29 -0.40
C GLN A 173 7.93 -1.63 -1.04
N SER A 174 7.50 -2.70 -0.41
CA SER A 174 7.72 -4.08 -0.79
C SER A 174 7.13 -4.37 -2.17
N MET A 175 5.88 -3.93 -2.42
CA MET A 175 5.21 -4.07 -3.71
C MET A 175 5.94 -3.21 -4.77
N ALA A 176 6.40 -2.02 -4.36
CA ALA A 176 7.15 -1.11 -5.26
C ALA A 176 8.47 -1.75 -5.67
N ASN A 177 9.21 -2.44 -4.75
CA ASN A 177 10.49 -3.09 -5.07
C ASN A 177 10.33 -4.20 -6.08
N ILE A 178 9.31 -5.07 -5.91
CA ILE A 178 9.01 -6.12 -6.87
C ILE A 178 8.68 -5.52 -8.23
N LEU A 179 7.83 -4.46 -8.26
CA LEU A 179 7.48 -3.79 -9.53
C LEU A 179 8.69 -3.11 -10.19
N SER A 180 9.62 -2.58 -9.37
CA SER A 180 10.87 -1.95 -9.85
C SER A 180 11.83 -2.94 -10.56
N GLY A 181 11.77 -4.23 -10.20
CA GLY A 181 12.60 -5.30 -10.75
C GLY A 181 12.29 -5.69 -12.19
N ASN B 13 -11.13 7.01 -28.29
CA ASN B 13 -10.48 8.31 -28.53
C ASN B 13 -10.43 9.23 -27.28
N PRO B 14 -11.56 9.56 -26.58
CA PRO B 14 -11.45 10.42 -25.39
C PRO B 14 -10.49 9.89 -24.32
N LEU B 15 -10.53 8.57 -24.08
CA LEU B 15 -9.65 7.90 -23.11
C LEU B 15 -8.22 7.86 -23.63
N ASP B 16 -8.05 7.66 -24.96
CA ASP B 16 -6.75 7.63 -25.65
C ASP B 16 -6.05 8.97 -25.52
N LYS B 17 -6.81 10.07 -25.65
CA LYS B 17 -6.33 11.45 -25.54
C LYS B 17 -6.02 11.81 -24.10
N TRP B 18 -6.82 11.33 -23.15
CA TRP B 18 -6.58 11.58 -21.73
C TRP B 18 -5.25 10.92 -21.34
N ASN B 19 -4.98 9.69 -21.83
CA ASN B 19 -3.73 8.99 -21.57
C ASN B 19 -2.52 9.77 -22.14
N ASP B 20 -2.65 10.31 -23.37
CA ASP B 20 -1.60 11.13 -23.99
C ASP B 20 -1.32 12.39 -23.15
N ILE B 21 -2.37 13.11 -22.75
CA ILE B 21 -2.27 14.30 -21.91
C ILE B 21 -1.66 13.96 -20.51
N ILE B 22 -2.01 12.79 -19.93
CA ILE B 22 -1.49 12.40 -18.62
C ILE B 22 0.01 12.12 -18.67
N PHE B 23 0.45 11.35 -19.67
CA PHE B 23 1.85 10.93 -19.84
C PHE B 23 2.76 11.95 -20.51
N HIS B 24 2.17 13.02 -21.07
CA HIS B 24 2.96 14.06 -21.74
C HIS B 24 3.01 15.44 -21.07
N ALA B 25 2.18 15.63 -20.04
CA ALA B 25 2.17 16.85 -19.21
C ALA B 25 3.37 16.76 -18.26
N SER B 26 3.76 17.88 -17.63
CA SER B 26 4.86 17.84 -16.66
C SER B 26 4.51 16.88 -15.53
N LYS B 27 5.52 16.16 -15.01
CA LYS B 27 5.37 15.17 -13.94
C LYS B 27 4.58 15.73 -12.75
N LYS B 28 4.83 17.00 -12.39
CA LYS B 28 4.16 17.69 -11.29
C LYS B 28 2.65 17.86 -11.56
N LEU B 29 2.28 18.29 -12.77
CA LEU B 29 0.87 18.49 -13.10
C LEU B 29 0.03 17.24 -13.19
N SER B 30 0.62 16.15 -13.74
CA SER B 30 -0.06 14.85 -13.84
C SER B 30 -0.17 14.16 -12.48
N LYS B 31 0.78 14.41 -11.56
CA LYS B 31 0.78 13.83 -10.22
C LYS B 31 -0.33 14.44 -9.37
N LYS B 32 -0.47 15.77 -9.43
CA LYS B 32 -1.50 16.53 -8.73
C LYS B 32 -2.90 16.09 -9.22
N GLU B 33 -3.05 15.91 -10.54
CA GLU B 33 -4.31 15.46 -11.16
C GLU B 33 -4.69 14.02 -10.80
N LEU B 34 -3.74 13.09 -10.85
CA LEU B 34 -4.00 11.70 -10.46
C LEU B 34 -4.32 11.60 -8.97
N GLU B 35 -3.61 12.39 -8.11
CA GLU B 35 -3.87 12.42 -6.67
C GLU B 35 -5.27 12.98 -6.37
N ARG B 36 -5.72 13.98 -7.16
CA ARG B 36 -7.05 14.58 -7.03
C ARG B 36 -8.13 13.52 -7.26
N LEU B 37 -7.99 12.75 -8.36
CA LEU B 37 -8.89 11.65 -8.72
C LEU B 37 -8.90 10.54 -7.66
N LEU B 38 -7.74 10.26 -7.06
CA LEU B 38 -7.63 9.23 -6.03
C LEU B 38 -8.36 9.62 -4.76
N GLU B 39 -8.20 10.89 -4.31
CA GLU B 39 -8.88 11.46 -3.14
C GLU B 39 -10.40 11.42 -3.38
N LEU B 40 -10.84 11.74 -4.60
CA LEU B 40 -12.26 11.76 -4.97
C LEU B 40 -12.83 10.35 -4.87
N LEU B 41 -12.05 9.36 -5.29
CA LEU B 41 -12.40 7.94 -5.21
C LEU B 41 -12.48 7.49 -3.75
N ALA B 42 -11.48 7.86 -2.93
CA ALA B 42 -11.47 7.53 -1.51
C ALA B 42 -12.69 8.18 -0.80
N LEU B 43 -13.01 9.44 -1.16
CA LEU B 43 -14.15 10.19 -0.62
C LEU B 43 -15.47 9.53 -0.98
N LEU B 44 -15.67 9.16 -2.27
CA LEU B 44 -16.90 8.53 -2.76
C LEU B 44 -17.14 7.18 -2.13
N GLU B 45 -16.11 6.32 -2.09
CA GLU B 45 -16.19 4.98 -1.50
C GLU B 45 -16.50 5.01 0.00
N THR B 46 -15.88 5.98 0.74
CA THR B 46 -16.10 6.16 2.18
C THR B 46 -17.54 6.62 2.39
N PHE B 47 -18.04 7.53 1.52
CA PHE B 47 -19.42 7.99 1.59
C PHE B 47 -20.39 6.83 1.46
N ILE B 48 -20.17 5.92 0.49
CA ILE B 48 -20.98 4.72 0.22
C ILE B 48 -21.08 3.84 1.47
N GLU B 49 -19.93 3.62 2.16
CA GLU B 49 -19.87 2.84 3.39
C GLU B 49 -20.54 3.57 4.54
N LYS B 50 -20.25 4.88 4.74
CA LYS B 50 -20.86 5.68 5.80
C LYS B 50 -22.37 5.72 5.65
N GLU B 51 -22.86 5.67 4.41
CA GLU B 51 -24.28 5.67 4.06
C GLU B 51 -24.81 4.23 3.93
N ASP B 52 -23.94 3.21 4.12
CA ASP B 52 -24.24 1.77 4.06
C ASP B 52 -24.86 1.28 2.72
N LEU B 53 -24.33 1.81 1.61
CA LEU B 53 -24.82 1.49 0.26
C LEU B 53 -23.94 0.54 -0.54
N GLU B 54 -22.95 -0.13 0.11
CA GLU B 54 -21.97 -1.05 -0.49
C GLU B 54 -22.60 -2.08 -1.43
N GLU B 55 -23.53 -2.90 -0.92
CA GLU B 55 -24.24 -3.91 -1.70
C GLU B 55 -25.09 -3.32 -2.84
N LYS B 56 -25.82 -2.21 -2.56
CA LYS B 56 -26.66 -1.49 -3.52
C LYS B 56 -25.80 -0.93 -4.67
N PHE B 57 -24.53 -0.52 -4.37
CA PHE B 57 -23.61 -0.04 -5.40
C PHE B 57 -23.13 -1.21 -6.26
N GLU B 58 -22.89 -2.38 -5.65
CA GLU B 58 -22.43 -3.57 -6.37
C GLU B 58 -23.49 -4.10 -7.35
N SER B 59 -24.77 -4.11 -6.92
CA SER B 59 -25.89 -4.54 -7.77
C SER B 59 -26.19 -3.52 -8.87
N PHE B 60 -25.66 -2.29 -8.72
CA PHE B 60 -25.77 -1.23 -9.71
C PHE B 60 -24.62 -1.41 -10.70
N ALA B 61 -23.37 -1.57 -10.18
CA ALA B 61 -22.14 -1.75 -10.95
C ALA B 61 -22.10 -3.03 -11.78
N LYS B 62 -22.77 -4.11 -11.30
CA LYS B 62 -22.85 -5.41 -11.99
C LYS B 62 -23.66 -5.31 -13.28
N ALA B 63 -24.73 -4.47 -13.29
CA ALA B 63 -25.62 -4.22 -14.42
C ALA B 63 -24.91 -3.67 -15.67
N LEU B 64 -23.69 -3.09 -15.52
CA LEU B 64 -22.88 -2.55 -16.61
C LEU B 64 -22.50 -3.63 -17.66
N ARG B 65 -22.43 -4.90 -17.22
CA ARG B 65 -22.13 -6.04 -18.09
C ARG B 65 -23.32 -6.41 -19.00
N ILE B 66 -24.57 -6.08 -18.60
CA ILE B 66 -25.77 -6.42 -19.38
C ILE B 66 -26.82 -5.30 -19.59
N ASP B 67 -26.41 -4.00 -19.56
CA ASP B 67 -27.33 -2.87 -19.78
C ASP B 67 -26.76 -1.82 -20.76
N GLU B 68 -27.50 -1.59 -21.87
CA GLU B 68 -27.15 -0.63 -22.92
C GLU B 68 -27.30 0.83 -22.45
N GLU B 69 -28.40 1.13 -21.72
CA GLU B 69 -28.71 2.45 -21.15
C GLU B 69 -27.63 2.90 -20.15
N LEU B 70 -27.12 1.96 -19.33
CA LEU B 70 -26.09 2.24 -18.34
C LEU B 70 -24.74 2.48 -19.01
N GLN B 71 -24.33 1.57 -19.94
CA GLN B 71 -23.06 1.63 -20.67
C GLN B 71 -22.81 2.98 -21.34
N GLN B 72 -23.86 3.58 -21.96
CA GLN B 72 -23.82 4.89 -22.61
C GLN B 72 -23.69 6.01 -21.58
N LYS B 73 -24.49 5.95 -20.48
CA LYS B 73 -24.48 6.92 -19.38
C LYS B 73 -23.13 6.97 -18.64
N ILE B 74 -22.36 5.85 -18.66
CA ILE B 74 -21.05 5.75 -18.02
C ILE B 74 -19.97 6.31 -18.96
N GLU B 75 -19.99 5.90 -20.26
CA GLU B 75 -19.03 6.38 -21.24
C GLU B 75 -19.13 7.90 -21.39
N SER B 76 -20.32 8.47 -21.07
CA SER B 76 -20.60 9.90 -21.08
C SER B 76 -19.97 10.58 -19.86
N ARG B 77 -20.17 10.04 -18.64
CA ARG B 77 -19.56 10.60 -17.43
C ARG B 77 -18.02 10.47 -17.40
N LYS B 78 -17.47 9.52 -18.17
CA LYS B 78 -16.01 9.33 -18.23
C LYS B 78 -15.42 10.53 -19.03
N THR B 79 -16.06 10.88 -20.18
CA THR B 79 -15.66 12.02 -21.03
C THR B 79 -15.64 13.34 -20.28
N ASP B 80 -16.60 13.55 -19.38
CA ASP B 80 -16.63 14.75 -18.56
C ASP B 80 -15.53 14.81 -17.52
N ILE B 81 -15.13 13.62 -16.93
CA ILE B 81 -14.03 13.50 -15.97
C ILE B 81 -12.73 13.85 -16.71
N VAL B 82 -12.58 13.26 -17.91
CA VAL B 82 -11.49 13.44 -18.84
C VAL B 82 -11.33 14.94 -19.22
N ILE B 83 -12.47 15.66 -19.36
CA ILE B 83 -12.53 17.10 -19.65
C ILE B 83 -12.02 17.92 -18.47
N GLN B 84 -12.50 17.63 -17.23
CA GLN B 84 -11.99 18.33 -16.05
C GLN B 84 -10.48 18.18 -15.89
N SER B 85 -9.96 16.95 -16.14
CA SER B 85 -8.56 16.55 -16.05
C SER B 85 -7.66 17.45 -16.89
N MET B 86 -8.00 17.54 -18.19
CA MET B 86 -7.32 18.37 -19.18
C MET B 86 -7.42 19.84 -18.80
N ALA B 87 -8.57 20.29 -18.26
CA ALA B 87 -8.75 21.67 -17.81
C ALA B 87 -7.88 22.00 -16.60
N ASN B 88 -7.72 21.00 -15.67
CA ASN B 88 -6.90 21.14 -14.47
C ASN B 88 -5.42 21.24 -14.81
N ILE B 89 -4.93 20.34 -15.68
CA ILE B 89 -3.54 20.34 -16.15
C ILE B 89 -3.18 21.68 -16.86
N LEU B 90 -4.14 22.25 -17.65
CA LEU B 90 -4.00 23.53 -18.34
C LEU B 90 -3.96 24.72 -17.38
N SER B 91 -4.79 24.66 -16.31
CA SER B 91 -4.92 25.70 -15.27
C SER B 91 -3.61 25.99 -14.50
N GLY B 92 -2.76 24.98 -14.33
CA GLY B 92 -1.48 25.09 -13.61
C GLY B 92 -1.60 24.91 -12.12
N GLY B 101 2.31 12.11 0.43
CA GLY B 101 3.29 11.34 1.20
C GLY B 101 3.86 10.13 0.48
N ASN B 102 4.56 9.23 1.22
CA ASN B 102 5.20 8.01 0.70
C ASN B 102 4.28 7.07 -0.11
N PRO B 103 3.08 6.69 0.38
CA PRO B 103 2.19 5.83 -0.45
C PRO B 103 1.82 6.40 -1.80
N LEU B 104 1.58 7.70 -1.86
CA LEU B 104 1.19 8.37 -3.10
C LEU B 104 2.37 8.64 -4.00
N ASP B 105 3.54 8.92 -3.42
CA ASP B 105 4.79 9.14 -4.16
C ASP B 105 5.18 7.86 -4.88
N LYS B 106 5.10 6.72 -4.17
CA LYS B 106 5.44 5.40 -4.69
C LYS B 106 4.48 4.98 -5.80
N TRP B 107 3.18 5.24 -5.60
CA TRP B 107 2.15 4.96 -6.61
C TRP B 107 2.42 5.76 -7.89
N ASN B 108 2.82 7.04 -7.76
CA ASN B 108 3.17 7.87 -8.90
C ASN B 108 4.38 7.29 -9.65
N ASP B 109 5.47 6.86 -8.92
CA ASP B 109 6.65 6.22 -9.49
C ASP B 109 6.26 5.00 -10.34
N ILE B 110 5.44 4.10 -9.74
CA ILE B 110 4.94 2.86 -10.33
C ILE B 110 4.10 3.10 -11.56
N ILE B 111 3.12 4.03 -11.47
CA ILE B 111 2.24 4.37 -12.60
C ILE B 111 3.05 4.85 -13.81
N PHE B 112 4.02 5.72 -13.56
CA PHE B 112 4.85 6.30 -14.61
C PHE B 112 6.01 5.47 -15.16
N HIS B 113 6.40 4.39 -14.46
CA HIS B 113 7.47 3.49 -14.90
C HIS B 113 7.00 2.11 -15.36
N ALA B 114 5.71 1.78 -15.09
CA ALA B 114 5.06 0.53 -15.49
C ALA B 114 4.99 0.39 -16.99
N SER B 115 4.73 -0.83 -17.46
CA SER B 115 4.50 -1.11 -18.89
C SER B 115 3.33 -0.19 -19.24
N LYS B 116 3.52 0.66 -20.26
CA LYS B 116 2.53 1.65 -20.68
C LYS B 116 1.12 1.07 -20.94
N LYS B 117 1.05 -0.22 -21.36
CA LYS B 117 -0.20 -0.94 -21.57
C LYS B 117 -0.89 -1.17 -20.19
N LEU B 118 -0.09 -1.56 -19.17
CA LEU B 118 -0.60 -1.87 -17.84
C LEU B 118 -1.06 -0.66 -17.08
N SER B 119 -0.36 0.48 -17.21
CA SER B 119 -0.74 1.74 -16.55
C SER B 119 -1.99 2.34 -17.21
N LYS B 120 -2.17 2.19 -18.52
CA LYS B 120 -3.35 2.68 -19.24
C LYS B 120 -4.61 1.90 -18.80
N LYS B 121 -4.53 0.56 -18.77
CA LYS B 121 -5.64 -0.31 -18.32
C LYS B 121 -5.99 0.03 -16.86
N GLU B 122 -4.98 0.27 -16.03
CA GLU B 122 -5.19 0.60 -14.62
C GLU B 122 -5.84 1.97 -14.44
N LEU B 123 -5.33 3.01 -15.11
CA LEU B 123 -5.89 4.35 -15.03
C LEU B 123 -7.33 4.37 -15.55
N GLU B 124 -7.61 3.59 -16.64
CA GLU B 124 -8.97 3.48 -17.19
C GLU B 124 -9.91 2.82 -16.19
N ARG B 125 -9.41 1.79 -15.45
CA ARG B 125 -10.19 1.05 -14.46
C ARG B 125 -10.66 1.99 -13.35
N LEU B 126 -9.75 2.86 -12.86
CA LEU B 126 -10.03 3.87 -11.83
C LEU B 126 -11.03 4.89 -12.34
N LEU B 127 -10.94 5.24 -13.64
CA LEU B 127 -11.84 6.22 -14.29
C LEU B 127 -13.25 5.68 -14.37
N GLU B 128 -13.42 4.41 -14.82
CA GLU B 128 -14.70 3.71 -14.90
C GLU B 128 -15.38 3.68 -13.51
N LEU B 129 -14.64 3.26 -12.46
CA LEU B 129 -15.11 3.19 -11.07
C LEU B 129 -15.61 4.54 -10.58
N LEU B 130 -14.85 5.61 -10.87
CA LEU B 130 -15.21 6.99 -10.54
C LEU B 130 -16.51 7.40 -11.24
N ALA B 131 -16.61 7.10 -12.56
CA ALA B 131 -17.81 7.35 -13.34
C ALA B 131 -19.00 6.55 -12.80
N LEU B 132 -18.75 5.32 -12.32
CA LEU B 132 -19.80 4.48 -11.74
C LEU B 132 -20.30 5.06 -10.40
N LEU B 133 -19.39 5.43 -9.49
CA LEU B 133 -19.73 5.98 -8.18
C LEU B 133 -20.52 7.27 -8.26
N GLU B 134 -20.11 8.19 -9.15
CA GLU B 134 -20.78 9.46 -9.35
C GLU B 134 -22.18 9.32 -9.97
N THR B 135 -22.36 8.30 -10.84
CA THR B 135 -23.65 8.02 -11.51
C THR B 135 -24.60 7.41 -10.49
N PHE B 136 -24.07 6.54 -9.60
CA PHE B 136 -24.82 5.88 -8.54
C PHE B 136 -25.38 6.94 -7.59
N ILE B 137 -24.51 7.84 -7.07
CA ILE B 137 -24.85 8.97 -6.19
C ILE B 137 -26.05 9.76 -6.76
N GLU B 138 -25.98 10.15 -8.05
CA GLU B 138 -27.02 10.93 -8.72
C GLU B 138 -28.35 10.18 -8.88
N LYS B 139 -28.29 8.90 -9.32
CA LYS B 139 -29.45 8.02 -9.49
C LYS B 139 -30.15 7.85 -8.14
N GLU B 140 -29.34 7.68 -7.07
CA GLU B 140 -29.78 7.51 -5.69
C GLU B 140 -30.15 8.84 -5.00
N ASP B 141 -29.94 9.98 -5.70
CA ASP B 141 -30.20 11.37 -5.26
C ASP B 141 -29.47 11.73 -3.96
N LEU B 142 -28.21 11.29 -3.86
CA LEU B 142 -27.37 11.52 -2.68
C LEU B 142 -26.39 12.67 -2.87
N GLU B 143 -26.60 13.48 -3.91
CA GLU B 143 -25.73 14.60 -4.30
C GLU B 143 -25.48 15.58 -3.15
N GLU B 144 -26.57 16.09 -2.53
CA GLU B 144 -26.53 17.04 -1.41
C GLU B 144 -25.83 16.38 -0.22
N LYS B 145 -26.19 15.11 0.07
CA LYS B 145 -25.66 14.29 1.15
C LYS B 145 -24.14 14.09 1.02
N PHE B 146 -23.63 13.87 -0.22
CA PHE B 146 -22.20 13.71 -0.47
C PHE B 146 -21.42 15.01 -0.28
N GLU B 147 -22.00 16.15 -0.72
CA GLU B 147 -21.44 17.50 -0.58
C GLU B 147 -21.34 17.81 0.91
N SER B 148 -22.43 17.56 1.67
CA SER B 148 -22.54 17.74 3.13
C SER B 148 -21.55 16.84 3.86
N PHE B 149 -21.24 15.66 3.28
CA PHE B 149 -20.28 14.68 3.81
C PHE B 149 -18.86 15.25 3.73
N ALA B 150 -18.62 16.15 2.77
CA ALA B 150 -17.35 16.86 2.60
C ALA B 150 -17.36 18.22 3.36
N LYS B 151 -18.55 18.70 3.75
CA LYS B 151 -18.75 19.95 4.51
C LYS B 151 -18.42 19.70 6.00
N ALA B 152 -18.74 18.49 6.50
CA ALA B 152 -18.47 18.07 7.87
C ALA B 152 -17.16 17.26 7.94
N LEU B 153 -16.46 17.13 6.79
CA LEU B 153 -15.20 16.40 6.64
C LEU B 153 -14.00 17.09 7.31
N ARG B 154 -13.85 18.41 7.11
CA ARG B 154 -12.77 19.24 7.65
C ARG B 154 -12.65 19.14 9.18
N ILE B 155 -13.79 19.28 9.89
CA ILE B 155 -13.94 19.21 11.35
C ILE B 155 -13.88 17.77 11.91
N ASP B 156 -13.71 16.79 11.00
CA ASP B 156 -13.66 15.36 11.30
C ASP B 156 -12.28 14.77 10.98
N GLU B 157 -11.37 14.83 11.98
CA GLU B 157 -10.01 14.31 11.91
C GLU B 157 -10.03 12.79 11.77
N GLU B 158 -11.01 12.11 12.42
CA GLU B 158 -11.23 10.67 12.38
C GLU B 158 -11.57 10.24 10.96
N LEU B 159 -12.45 11.02 10.31
CA LEU B 159 -12.89 10.80 8.94
C LEU B 159 -11.80 11.07 7.90
N GLN B 160 -10.90 12.06 8.16
CA GLN B 160 -9.75 12.34 7.29
C GLN B 160 -8.80 11.15 7.33
N GLN B 161 -8.54 10.60 8.54
CA GLN B 161 -7.69 9.42 8.75
C GLN B 161 -8.29 8.22 7.99
N LYS B 162 -9.63 8.07 8.01
CA LYS B 162 -10.35 7.01 7.29
C LYS B 162 -10.09 7.11 5.78
N ILE B 163 -10.11 8.34 5.21
CA ILE B 163 -9.85 8.65 3.79
C ILE B 163 -8.38 8.35 3.41
N GLU B 164 -7.42 8.83 4.24
CA GLU B 164 -5.99 8.61 4.05
C GLU B 164 -5.72 7.10 4.02
N SER B 165 -6.41 6.36 4.91
CA SER B 165 -6.32 4.91 5.01
C SER B 165 -6.90 4.24 3.76
N ARG B 166 -8.06 4.74 3.26
CA ARG B 166 -8.68 4.19 2.06
C ARG B 166 -7.84 4.50 0.79
N LYS B 167 -7.09 5.63 0.77
CA LYS B 167 -6.24 6.00 -0.36
C LYS B 167 -5.09 5.00 -0.48
N THR B 168 -4.44 4.67 0.66
CA THR B 168 -3.35 3.70 0.72
C THR B 168 -3.84 2.32 0.27
N ASP B 169 -5.08 1.99 0.62
CA ASP B 169 -5.74 0.76 0.18
C ASP B 169 -5.94 0.76 -1.31
N ILE B 170 -6.43 1.89 -1.89
CA ILE B 170 -6.63 2.04 -3.34
C ILE B 170 -5.26 1.89 -4.07
N VAL B 171 -4.21 2.54 -3.54
CA VAL B 171 -2.84 2.47 -4.03
C VAL B 171 -2.33 1.02 -4.06
N ILE B 172 -2.52 0.25 -2.96
CA ILE B 172 -2.13 -1.15 -2.86
C ILE B 172 -2.81 -2.01 -3.92
N GLN B 173 -4.12 -1.86 -4.07
CA GLN B 173 -4.88 -2.56 -5.12
C GLN B 173 -4.34 -2.26 -6.52
N SER B 174 -4.10 -0.98 -6.77
CA SER B 174 -3.57 -0.43 -8.01
C SER B 174 -2.19 -1.00 -8.33
N MET B 175 -1.29 -1.05 -7.32
CA MET B 175 0.05 -1.63 -7.46
C MET B 175 -0.06 -3.15 -7.69
N ALA B 176 -1.02 -3.80 -7.00
CA ALA B 176 -1.26 -5.23 -7.16
C ALA B 176 -1.74 -5.56 -8.57
N ASN B 177 -2.63 -4.72 -9.19
CA ASN B 177 -3.12 -4.94 -10.57
C ASN B 177 -2.01 -4.85 -11.59
N ILE B 178 -1.13 -3.83 -11.48
CA ILE B 178 0.02 -3.72 -12.37
C ILE B 178 0.92 -4.94 -12.24
N LEU B 179 1.20 -5.37 -10.98
CA LEU B 179 2.05 -6.57 -10.72
C LEU B 179 1.38 -7.85 -11.25
N SER B 180 0.03 -7.93 -11.19
CA SER B 180 -0.72 -9.08 -11.72
C SER B 180 -0.61 -9.25 -13.26
N GLY B 181 -0.36 -8.14 -13.98
CA GLY B 181 -0.17 -8.12 -15.42
C GLY B 181 -1.47 -8.22 -16.18
#